data_4MVE
#
_entry.id   4MVE
#
_cell.length_a   66.803
_cell.length_b   66.803
_cell.length_c   127.368
_cell.angle_alpha   90.00
_cell.angle_beta   90.00
_cell.angle_gamma   120.00
#
_symmetry.space_group_name_H-M   'P 32 2 1'
#
loop_
_entity.id
_entity.type
_entity.pdbx_description
1 polymer 'Uncharacterized protein'
2 water water
#
_entity_poly.entity_id   1
_entity_poly.type   'polypeptide(L)'
_entity_poly.pdbx_seq_one_letter_code
;SNA(MSE)DAEQRLAKIIASGDECDRATVEELYDRLAPVPVDF(MSE)LGTWRGGIFDRGDALAG(MSE)LLG(MSE)NW
YGKRFIDRDHVEPLLCRSPDGSIYSYEKLGLARLREVALRGTVSAA(MSE)IYDKQPIIDHFRRVNDD(MSE)VVGA
(MSE)DAKGQPDILYFHLTRER
;
_entity_poly.pdbx_strand_id   A,B
#
# COMPACT_ATOMS: atom_id res chain seq x y z
N MSE A 4 -21.42 18.63 3.70
CA MSE A 4 -22.66 19.11 3.10
C MSE A 4 -22.52 19.33 1.58
O MSE A 4 -22.84 18.41 0.82
CB MSE A 4 -23.13 20.41 3.78
N ASP A 5 -22.01 20.52 1.15
CA ASP A 5 -21.85 20.98 -0.23
C ASP A 5 -21.15 19.97 -1.14
N ALA A 6 -19.90 19.61 -0.83
CA ALA A 6 -19.07 18.70 -1.61
C ALA A 6 -19.75 17.37 -1.85
N GLU A 7 -20.38 16.79 -0.81
CA GLU A 7 -21.10 15.51 -0.91
C GLU A 7 -22.28 15.63 -1.88
N GLN A 8 -23.06 16.70 -1.77
CA GLN A 8 -24.24 16.93 -2.59
C GLN A 8 -23.87 17.20 -4.03
N ARG A 9 -22.83 18.03 -4.26
CA ARG A 9 -22.32 18.32 -5.60
C ARG A 9 -21.78 17.04 -6.25
N LEU A 10 -21.03 16.22 -5.49
CA LEU A 10 -20.44 15.01 -6.08
C LEU A 10 -21.49 13.94 -6.33
N ALA A 11 -22.49 13.81 -5.45
CA ALA A 11 -23.54 12.81 -5.60
C ALA A 11 -24.31 13.02 -6.92
N LYS A 12 -24.58 14.27 -7.27
CA LYS A 12 -25.32 14.64 -8.50
C LYS A 12 -24.53 14.25 -9.76
N ILE A 13 -23.19 14.50 -9.74
CA ILE A 13 -22.30 14.15 -10.87
C ILE A 13 -22.22 12.60 -10.99
N ILE A 14 -21.97 11.90 -9.89
CA ILE A 14 -21.88 10.44 -9.84
C ILE A 14 -23.20 9.79 -10.32
N ALA A 15 -24.38 10.28 -9.85
CA ALA A 15 -25.66 9.69 -10.23
C ALA A 15 -25.98 9.90 -11.72
N SER A 16 -25.52 11.00 -12.31
CA SER A 16 -25.80 11.27 -13.72
C SER A 16 -24.69 10.70 -14.69
N GLY A 17 -23.57 10.22 -14.14
CA GLY A 17 -22.45 9.69 -14.93
C GLY A 17 -21.76 10.78 -15.72
N ASP A 18 -21.94 12.03 -15.30
CA ASP A 18 -21.31 13.17 -15.96
C ASP A 18 -19.81 13.19 -15.77
N GLU A 19 -19.14 13.79 -16.74
CA GLU A 19 -17.71 13.99 -16.67
C GLU A 19 -17.45 15.20 -15.79
N CYS A 20 -16.31 15.22 -15.12
CA CYS A 20 -15.89 16.34 -14.28
C CYS A 20 -14.38 16.41 -14.29
N ASP A 21 -13.83 17.59 -14.64
CA ASP A 21 -12.38 17.86 -14.74
C ASP A 21 -11.67 17.62 -13.40
N ARG A 22 -10.47 17.06 -13.51
CA ARG A 22 -9.61 16.61 -12.40
C ARG A 22 -9.51 17.62 -11.25
N ALA A 23 -9.17 18.89 -11.56
CA ALA A 23 -9.02 19.99 -10.60
C ALA A 23 -10.32 20.22 -9.79
N THR A 24 -11.48 20.18 -10.43
CA THR A 24 -12.75 20.38 -9.73
C THR A 24 -13.08 19.17 -8.80
N VAL A 25 -12.80 17.93 -9.24
CA VAL A 25 -13.09 16.76 -8.40
C VAL A 25 -12.18 16.78 -7.16
N GLU A 26 -10.89 17.10 -7.37
CA GLU A 26 -9.89 17.17 -6.32
C GLU A 26 -10.31 18.16 -5.25
N GLU A 27 -10.82 19.36 -5.65
CA GLU A 27 -11.28 20.38 -4.68
C GLU A 27 -12.41 19.80 -3.83
N LEU A 28 -13.31 19.08 -4.47
CA LEU A 28 -14.44 18.50 -3.77
C LEU A 28 -14.02 17.29 -2.91
N TYR A 29 -13.12 16.44 -3.43
CA TYR A 29 -12.60 15.29 -2.73
C TYR A 29 -11.90 15.67 -1.41
N ASP A 30 -11.05 16.72 -1.44
CA ASP A 30 -10.30 17.16 -0.26
C ASP A 30 -11.20 17.58 0.92
N ARG A 31 -12.50 17.82 0.67
CA ARG A 31 -13.47 18.24 1.68
C ARG A 31 -14.27 17.02 2.21
N LEU A 32 -14.00 15.84 1.66
CA LEU A 32 -14.71 14.63 2.04
C LEU A 32 -14.11 13.93 3.24
N ALA A 33 -14.98 13.21 3.94
CA ALA A 33 -14.65 12.45 5.13
C ALA A 33 -14.00 11.10 4.78
N PRO A 34 -13.02 10.63 5.59
CA PRO A 34 -12.49 9.27 5.37
C PRO A 34 -13.52 8.19 5.74
N VAL A 35 -13.30 6.95 5.28
CA VAL A 35 -14.18 5.82 5.55
C VAL A 35 -13.37 4.69 6.18
N PRO A 36 -13.96 3.90 7.12
CA PRO A 36 -13.22 2.73 7.63
C PRO A 36 -13.21 1.61 6.58
N VAL A 37 -12.29 0.63 6.73
CA VAL A 37 -12.10 -0.51 5.83
C VAL A 37 -13.41 -1.33 5.63
N ASP A 38 -14.15 -1.68 6.73
CA ASP A 38 -15.36 -2.52 6.61
C ASP A 38 -16.53 -1.83 5.85
N PHE A 39 -16.52 -0.48 5.76
CA PHE A 39 -17.53 0.29 5.01
C PHE A 39 -17.50 -0.09 3.51
N MSE A 40 -16.33 -0.48 3.01
CA MSE A 40 -16.15 -0.84 1.62
C MSE A 40 -16.62 -2.24 1.28
O MSE A 40 -16.74 -2.54 0.08
CB MSE A 40 -14.66 -0.70 1.19
CG MSE A 40 -14.11 0.71 1.32
SE MSE A 40 -15.13 2.07 0.35
CE MSE A 40 -15.26 1.22 -1.49
N LEU A 41 -16.87 -3.12 2.29
CA LEU A 41 -17.25 -4.51 2.02
C LEU A 41 -18.57 -4.60 1.19
N GLY A 42 -18.49 -5.32 0.07
CA GLY A 42 -19.61 -5.49 -0.86
C GLY A 42 -19.23 -5.27 -2.31
N THR A 43 -20.23 -5.33 -3.19
CA THR A 43 -20.05 -5.12 -4.62
C THR A 43 -20.45 -3.69 -4.96
N TRP A 44 -19.63 -3.04 -5.80
CA TRP A 44 -19.85 -1.66 -6.23
C TRP A 44 -19.74 -1.49 -7.74
N ARG A 45 -20.61 -0.64 -8.30
CA ARG A 45 -20.63 -0.25 -9.72
C ARG A 45 -19.74 1.01 -9.86
N GLY A 46 -18.82 0.96 -10.82
CA GLY A 46 -17.87 2.04 -11.03
C GLY A 46 -18.13 2.87 -12.25
N GLY A 47 -17.62 4.08 -12.20
CA GLY A 47 -17.68 5.07 -13.26
C GLY A 47 -16.50 5.99 -13.13
N ILE A 48 -16.21 6.74 -14.17
CA ILE A 48 -15.03 7.58 -14.22
C ILE A 48 -15.39 9.03 -14.49
N PHE A 49 -14.69 9.96 -13.84
CA PHE A 49 -14.97 11.39 -14.04
C PHE A 49 -14.38 11.95 -15.34
N ASP A 50 -13.17 11.49 -15.76
CA ASP A 50 -12.55 11.96 -16.99
C ASP A 50 -12.31 10.76 -17.93
N ARG A 51 -13.19 10.62 -18.92
CA ARG A 51 -13.19 9.50 -19.85
C ARG A 51 -12.16 9.66 -21.00
N GLY A 52 -11.45 10.80 -21.05
CA GLY A 52 -10.42 11.04 -22.05
C GLY A 52 -9.04 10.51 -21.69
N ASP A 53 -8.86 10.04 -20.44
CA ASP A 53 -7.61 9.49 -19.92
C ASP A 53 -7.34 8.08 -20.54
N ALA A 54 -6.06 7.75 -20.78
CA ALA A 54 -5.62 6.48 -21.35
C ALA A 54 -6.21 5.26 -20.61
N LEU A 55 -5.98 5.18 -19.26
CA LEU A 55 -6.45 4.04 -18.48
C LEU A 55 -7.98 3.99 -18.49
N ALA A 56 -8.65 5.18 -18.42
CA ALA A 56 -10.10 5.30 -18.54
C ALA A 56 -10.57 4.68 -19.87
N GLY A 57 -9.84 4.96 -20.96
CA GLY A 57 -10.13 4.42 -22.28
C GLY A 57 -10.05 2.90 -22.31
N MSE A 58 -9.06 2.36 -21.60
CA MSE A 58 -8.80 0.92 -21.54
C MSE A 58 -9.84 0.22 -20.65
O MSE A 58 -10.33 -0.84 -21.04
CB MSE A 58 -7.37 0.67 -21.05
CG MSE A 58 -6.28 1.08 -22.10
SE MSE A 58 -6.59 0.33 -23.90
CE MSE A 58 -6.45 -1.50 -23.48
N LEU A 59 -10.22 0.83 -19.52
CA LEU A 59 -11.25 0.31 -18.63
C LEU A 59 -12.60 0.21 -19.38
N LEU A 60 -12.91 1.26 -20.14
CA LEU A 60 -14.12 1.35 -20.94
C LEU A 60 -14.13 0.23 -22.01
N GLY A 61 -13.00 0.02 -22.68
CA GLY A 61 -12.87 -1.00 -23.71
C GLY A 61 -13.05 -2.42 -23.19
N MSE A 62 -12.63 -2.63 -21.94
CA MSE A 62 -12.79 -3.92 -21.26
C MSE A 62 -14.18 -4.08 -20.67
O MSE A 62 -14.47 -5.15 -20.12
CB MSE A 62 -11.77 -4.00 -20.15
CG MSE A 62 -10.44 -4.41 -20.67
SE MSE A 62 -9.60 -5.52 -19.39
CE MSE A 62 -10.89 -7.13 -19.41
N ASN A 63 -15.06 -3.04 -20.77
CA ASN A 63 -16.40 -3.01 -20.22
C ASN A 63 -16.33 -3.18 -18.69
N TRP A 64 -15.37 -2.48 -18.06
CA TRP A 64 -15.21 -2.45 -16.61
C TRP A 64 -16.54 -2.11 -15.95
N TYR A 65 -16.98 -2.97 -15.05
CA TYR A 65 -18.23 -2.79 -14.31
C TYR A 65 -17.98 -2.09 -12.96
N GLY A 66 -17.09 -2.67 -12.16
CA GLY A 66 -16.78 -2.14 -10.84
C GLY A 66 -15.82 -2.99 -10.03
N LYS A 67 -16.16 -3.20 -8.75
CA LYS A 67 -15.28 -3.90 -7.78
C LYS A 67 -16.05 -4.68 -6.76
N ARG A 68 -15.43 -5.75 -6.22
CA ARG A 68 -16.02 -6.58 -5.14
C ARG A 68 -15.02 -6.65 -3.98
N PHE A 69 -15.40 -6.11 -2.79
CA PHE A 69 -14.54 -6.18 -1.61
C PHE A 69 -15.05 -7.36 -0.74
N ILE A 70 -14.36 -8.53 -0.78
CA ILE A 70 -14.84 -9.71 0.00
C ILE A 70 -14.56 -9.48 1.48
N ASP A 71 -13.28 -9.26 1.81
CA ASP A 71 -12.77 -8.99 3.13
C ASP A 71 -11.55 -8.06 2.95
N ARG A 72 -10.95 -7.61 4.07
CA ARG A 72 -9.78 -6.72 4.10
C ARG A 72 -8.61 -7.24 3.24
N ASP A 73 -8.55 -8.57 3.03
CA ASP A 73 -7.44 -9.18 2.33
C ASP A 73 -7.81 -9.69 0.97
N HIS A 74 -9.09 -9.67 0.61
CA HIS A 74 -9.50 -10.24 -0.68
C HIS A 74 -10.50 -9.33 -1.40
N VAL A 75 -10.00 -8.61 -2.42
CA VAL A 75 -10.73 -7.68 -3.27
C VAL A 75 -10.59 -8.05 -4.75
N GLU A 76 -11.70 -7.99 -5.50
CA GLU A 76 -11.68 -8.15 -6.94
C GLU A 76 -11.70 -6.74 -7.52
N PRO A 77 -10.56 -6.21 -8.01
CA PRO A 77 -10.55 -4.81 -8.44
C PRO A 77 -11.18 -4.53 -9.80
N LEU A 78 -11.26 -5.54 -10.66
CA LEU A 78 -11.74 -5.31 -12.04
C LEU A 78 -12.83 -6.25 -12.48
N LEU A 79 -14.05 -5.98 -11.97
CA LEU A 79 -15.24 -6.69 -12.43
C LEU A 79 -15.58 -6.10 -13.75
N CYS A 80 -15.85 -6.96 -14.75
CA CYS A 80 -16.14 -6.51 -16.11
C CYS A 80 -17.35 -7.20 -16.59
N ARG A 81 -17.94 -6.65 -17.64
CA ARG A 81 -19.10 -7.23 -18.25
C ARG A 81 -18.67 -7.95 -19.51
N SER A 82 -18.98 -9.26 -19.57
CA SER A 82 -18.67 -10.10 -20.72
C SER A 82 -19.77 -9.88 -21.80
N PRO A 83 -19.60 -10.31 -23.08
CA PRO A 83 -20.65 -10.03 -24.10
C PRO A 83 -22.06 -10.53 -23.74
N ASP A 84 -22.19 -11.65 -22.96
CA ASP A 84 -23.49 -12.22 -22.57
C ASP A 84 -24.25 -11.40 -21.48
N GLY A 85 -23.61 -10.39 -20.88
CA GLY A 85 -24.24 -9.56 -19.85
C GLY A 85 -23.89 -9.92 -18.42
N SER A 86 -23.31 -11.11 -18.21
CA SER A 86 -22.91 -11.55 -16.87
C SER A 86 -21.66 -10.76 -16.39
N ILE A 87 -21.49 -10.65 -15.08
CA ILE A 87 -20.34 -9.92 -14.55
C ILE A 87 -19.30 -10.91 -14.02
N TYR A 88 -18.02 -10.74 -14.46
CA TYR A 88 -16.91 -11.61 -14.09
C TYR A 88 -15.71 -10.80 -13.60
N SER A 89 -14.92 -11.45 -12.80
CA SER A 89 -13.73 -10.87 -12.23
C SER A 89 -12.53 -11.08 -13.15
N TYR A 90 -12.01 -9.97 -13.75
CA TYR A 90 -10.81 -9.99 -14.60
C TYR A 90 -9.60 -10.06 -13.67
N GLU A 91 -8.79 -11.13 -13.78
CA GLU A 91 -7.73 -11.32 -12.79
C GLU A 91 -6.31 -11.28 -13.35
N LYS A 92 -6.14 -10.87 -14.61
CA LYS A 92 -4.83 -10.87 -15.25
C LYS A 92 -3.90 -9.78 -14.68
N LEU A 93 -4.43 -8.73 -14.06
CA LEU A 93 -3.60 -7.69 -13.44
C LEU A 93 -3.33 -8.00 -11.95
N GLY A 94 -3.89 -9.12 -11.50
CA GLY A 94 -3.76 -9.55 -10.11
C GLY A 94 -4.95 -9.07 -9.30
N LEU A 95 -5.00 -9.50 -8.03
CA LEU A 95 -6.10 -9.15 -7.16
C LEU A 95 -5.69 -7.96 -6.28
N ALA A 96 -6.38 -7.76 -5.13
CA ALA A 96 -6.12 -6.60 -4.31
C ALA A 96 -6.55 -6.83 -2.87
N ARG A 97 -6.31 -5.84 -2.02
CA ARG A 97 -6.66 -5.87 -0.62
C ARG A 97 -6.87 -4.45 -0.11
N LEU A 98 -7.41 -4.33 1.11
CA LEU A 98 -7.71 -3.04 1.73
C LEU A 98 -6.83 -2.78 2.92
N ARG A 99 -6.33 -1.54 3.01
CA ARG A 99 -5.53 -1.07 4.16
C ARG A 99 -5.92 0.38 4.43
N GLU A 100 -5.51 0.91 5.59
CA GLU A 100 -5.72 2.33 5.89
C GLU A 100 -4.44 3.04 5.49
N VAL A 101 -4.52 3.96 4.52
CA VAL A 101 -3.39 4.69 3.94
C VAL A 101 -3.67 6.20 3.95
N ALA A 102 -2.63 7.05 4.19
CA ALA A 102 -2.80 8.51 4.16
C ALA A 102 -2.67 9.05 2.73
N LEU A 103 -3.44 10.09 2.43
CA LEU A 103 -3.37 10.86 1.21
C LEU A 103 -3.66 12.28 1.60
N ARG A 104 -2.65 13.18 1.44
CA ARG A 104 -2.75 14.60 1.76
C ARG A 104 -3.11 14.81 3.25
N GLY A 105 -2.48 14.02 4.10
CA GLY A 105 -2.71 14.08 5.54
C GLY A 105 -3.97 13.40 6.04
N THR A 106 -4.78 12.80 5.14
CA THR A 106 -6.00 12.13 5.60
C THR A 106 -5.84 10.66 5.37
N VAL A 107 -6.03 9.90 6.45
CA VAL A 107 -5.98 8.44 6.50
C VAL A 107 -7.39 7.92 6.27
N SER A 108 -7.56 7.05 5.28
CA SER A 108 -8.84 6.42 4.95
C SER A 108 -8.60 5.04 4.38
N ALA A 109 -9.67 4.27 4.20
CA ALA A 109 -9.58 2.99 3.53
C ALA A 109 -9.07 3.21 2.10
N ALA A 110 -8.16 2.35 1.70
CA ALA A 110 -7.57 2.41 0.38
C ALA A 110 -7.46 1.02 -0.21
N MSE A 111 -7.75 0.85 -1.52
CA MSE A 111 -7.51 -0.47 -2.13
C MSE A 111 -6.08 -0.51 -2.67
O MSE A 111 -5.67 0.40 -3.36
CB MSE A 111 -8.52 -0.75 -3.23
CG MSE A 111 -8.60 -2.22 -3.59
SE MSE A 111 -9.43 -2.37 -5.36
CE MSE A 111 -8.04 -1.62 -6.44
N ILE A 112 -5.32 -1.55 -2.34
CA ILE A 112 -3.94 -1.66 -2.86
C ILE A 112 -3.89 -2.86 -3.82
N TYR A 113 -3.42 -2.69 -5.06
CA TYR A 113 -3.29 -3.86 -5.96
C TYR A 113 -2.18 -4.74 -5.43
N ASP A 114 -2.37 -6.05 -5.56
CA ASP A 114 -1.35 -7.01 -5.13
C ASP A 114 -0.15 -6.97 -6.03
N LYS A 115 -0.36 -6.77 -7.36
CA LYS A 115 0.73 -6.95 -8.32
C LYS A 115 1.00 -5.72 -9.17
N GLN A 116 0.44 -4.57 -8.78
CA GLN A 116 0.56 -3.31 -9.53
C GLN A 116 0.80 -2.18 -8.57
N PRO A 117 1.64 -1.18 -8.90
CA PRO A 117 1.92 -0.10 -7.92
C PRO A 117 0.78 0.93 -7.97
N ILE A 118 -0.44 0.51 -7.58
CA ILE A 118 -1.64 1.35 -7.64
C ILE A 118 -2.40 1.28 -6.34
N ILE A 119 -2.71 2.46 -5.77
CA ILE A 119 -3.54 2.54 -4.56
C ILE A 119 -4.74 3.43 -4.85
N ASP A 120 -5.96 3.01 -4.49
CA ASP A 120 -7.20 3.82 -4.62
C ASP A 120 -7.66 4.26 -3.24
N HIS A 121 -7.54 5.56 -2.95
CA HIS A 121 -7.89 6.19 -1.66
C HIS A 121 -9.37 6.57 -1.68
N PHE A 122 -10.17 5.98 -0.79
CA PHE A 122 -11.62 6.20 -0.79
C PHE A 122 -12.09 7.25 0.21
N ARG A 123 -13.02 8.10 -0.21
CA ARG A 123 -13.65 9.06 0.70
C ARG A 123 -15.15 8.94 0.52
N ARG A 124 -15.91 9.19 1.57
CA ARG A 124 -17.36 9.06 1.58
C ARG A 124 -18.05 10.21 0.86
N VAL A 125 -19.01 9.88 -0.01
CA VAL A 125 -19.95 10.83 -0.62
C VAL A 125 -21.26 10.72 0.23
N ASN A 126 -21.78 9.47 0.41
CA ASN A 126 -22.90 9.11 1.29
C ASN A 126 -22.71 7.62 1.57
N ASP A 127 -23.64 6.95 2.28
CA ASP A 127 -23.51 5.52 2.61
C ASP A 127 -23.33 4.59 1.40
N ASP A 128 -23.81 5.01 0.21
CA ASP A 128 -23.77 4.18 -0.99
C ASP A 128 -22.90 4.73 -2.11
N MSE A 129 -22.10 5.79 -1.83
CA MSE A 129 -21.22 6.42 -2.83
C MSE A 129 -19.92 6.87 -2.20
O MSE A 129 -19.92 7.44 -1.11
CB MSE A 129 -21.87 7.64 -3.48
CG MSE A 129 -23.08 7.33 -4.33
SE MSE A 129 -23.77 9.00 -5.05
CE MSE A 129 -25.18 8.23 -6.10
N VAL A 130 -18.83 6.57 -2.88
CA VAL A 130 -17.45 6.98 -2.52
C VAL A 130 -16.78 7.53 -3.75
N VAL A 131 -15.77 8.41 -3.57
CA VAL A 131 -14.94 8.86 -4.68
C VAL A 131 -13.62 8.11 -4.46
N GLY A 132 -13.02 7.57 -5.50
CA GLY A 132 -11.74 6.89 -5.36
C GLY A 132 -10.68 7.75 -5.99
N ALA A 133 -9.51 7.90 -5.31
CA ALA A 133 -8.36 8.66 -5.77
C ALA A 133 -7.24 7.69 -6.12
N MSE A 134 -7.03 7.46 -7.43
CA MSE A 134 -6.03 6.53 -7.88
C MSE A 134 -4.62 7.15 -7.80
O MSE A 134 -4.36 8.19 -8.43
CB MSE A 134 -6.33 6.04 -9.32
CG MSE A 134 -5.38 4.92 -9.71
SE MSE A 134 -5.39 4.58 -11.61
CE MSE A 134 -4.42 6.24 -12.17
N ASP A 135 -3.75 6.50 -7.04
CA ASP A 135 -2.34 6.87 -6.78
C ASP A 135 -1.45 5.77 -7.40
N ALA A 136 -1.11 5.93 -8.69
CA ALA A 136 -0.33 4.96 -9.48
C ALA A 136 1.09 5.49 -9.74
N LYS A 137 2.08 4.67 -9.41
CA LYS A 137 3.49 4.97 -9.60
C LYS A 137 3.77 5.62 -10.95
N GLY A 138 4.42 6.78 -10.87
CA GLY A 138 4.81 7.54 -12.04
C GLY A 138 3.82 8.57 -12.49
N GLN A 139 2.47 8.25 -12.41
CA GLN A 139 1.40 9.16 -12.86
C GLN A 139 1.64 10.54 -12.32
N PRO A 140 1.72 11.57 -13.21
CA PRO A 140 2.02 12.92 -12.72
C PRO A 140 0.96 13.42 -11.75
N ASP A 141 -0.30 12.98 -11.97
CA ASP A 141 -1.42 13.42 -11.14
C ASP A 141 -2.27 12.28 -10.63
N ILE A 142 -2.92 12.49 -9.48
CA ILE A 142 -3.92 11.60 -8.92
C ILE A 142 -5.14 11.61 -9.87
N LEU A 143 -5.74 10.47 -10.22
CA LEU A 143 -6.93 10.47 -11.09
C LEU A 143 -8.15 9.95 -10.28
N TYR A 144 -9.34 10.41 -10.61
CA TYR A 144 -10.51 10.12 -9.82
C TYR A 144 -11.53 9.26 -10.52
N PHE A 145 -12.18 8.40 -9.75
CA PHE A 145 -13.27 7.57 -10.25
C PHE A 145 -14.36 7.48 -9.15
N HIS A 146 -15.51 6.87 -9.44
CA HIS A 146 -16.52 6.79 -8.40
C HIS A 146 -17.08 5.38 -8.27
N LEU A 147 -17.64 5.04 -7.10
CA LEU A 147 -18.28 3.76 -6.82
C LEU A 147 -19.61 3.97 -6.16
N THR A 148 -20.61 3.20 -6.59
CA THR A 148 -22.01 3.14 -6.11
C THR A 148 -22.26 1.73 -5.61
N ARG A 149 -22.66 1.61 -4.35
CA ARG A 149 -22.89 0.33 -3.69
C ARG A 149 -24.12 -0.38 -4.26
N GLU A 150 -23.96 -1.68 -4.61
CA GLU A 150 -25.06 -2.54 -5.06
C GLU A 150 -25.93 -2.86 -3.86
N ARG A 151 -27.25 -2.69 -3.97
CA ARG A 151 -28.22 -2.94 -2.90
C ARG A 151 -29.40 -3.76 -3.43
N MSE B 4 11.64 3.69 25.88
CA MSE B 4 12.71 3.34 26.81
C MSE B 4 13.20 1.88 26.58
O MSE B 4 14.05 1.65 25.71
CB MSE B 4 12.26 3.57 28.28
N ASP B 5 12.63 0.91 27.34
CA ASP B 5 12.99 -0.51 27.37
C ASP B 5 13.00 -1.17 25.99
N ALA B 6 11.89 -1.07 25.19
CA ALA B 6 11.82 -1.72 23.87
C ALA B 6 12.95 -1.25 22.95
N GLU B 7 13.20 0.07 22.90
CA GLU B 7 14.24 0.66 22.05
C GLU B 7 15.64 0.11 22.40
N GLN B 8 15.99 0.13 23.69
CA GLN B 8 17.29 -0.31 24.20
C GLN B 8 17.44 -1.81 24.02
N ARG B 9 16.38 -2.57 24.30
CA ARG B 9 16.42 -4.02 24.12
C ARG B 9 16.60 -4.37 22.63
N LEU B 10 15.86 -3.70 21.73
CA LEU B 10 15.99 -4.00 20.29
C LEU B 10 17.34 -3.53 19.73
N ALA B 11 17.83 -2.34 20.14
CA ALA B 11 19.14 -1.85 19.70
C ALA B 11 20.25 -2.89 20.05
N LYS B 12 20.22 -3.46 21.28
CA LYS B 12 21.22 -4.47 21.68
C LYS B 12 21.07 -5.76 20.85
N ILE B 13 19.83 -6.24 20.63
CA ILE B 13 19.59 -7.45 19.82
C ILE B 13 20.09 -7.24 18.36
N ILE B 14 19.82 -6.06 17.77
CA ILE B 14 20.23 -5.69 16.40
C ILE B 14 21.75 -5.59 16.26
N ALA B 15 22.41 -4.82 17.16
CA ALA B 15 23.86 -4.58 17.13
C ALA B 15 24.68 -5.88 17.26
N SER B 16 24.22 -6.82 18.12
CA SER B 16 24.92 -8.09 18.34
C SER B 16 24.66 -9.07 17.19
N GLY B 17 23.58 -8.85 16.45
CA GLY B 17 23.17 -9.72 15.36
C GLY B 17 22.63 -11.02 15.90
N ASP B 18 22.17 -10.99 17.17
CA ASP B 18 21.60 -12.13 17.85
C ASP B 18 20.23 -12.47 17.29
N GLU B 19 19.86 -13.75 17.42
CA GLU B 19 18.55 -14.22 17.01
C GLU B 19 17.51 -13.86 18.08
N CYS B 20 16.23 -13.73 17.70
CA CYS B 20 15.15 -13.37 18.62
C CYS B 20 13.84 -13.92 18.06
N ASP B 21 13.08 -14.68 18.85
CA ASP B 21 11.81 -15.27 18.38
C ASP B 21 10.77 -14.20 17.99
N ARG B 22 9.83 -14.56 17.09
CA ARG B 22 8.80 -13.66 16.57
C ARG B 22 7.98 -12.99 17.70
N ALA B 23 7.55 -13.74 18.74
CA ALA B 23 6.73 -13.27 19.85
C ALA B 23 7.44 -12.19 20.68
N THR B 24 8.76 -12.34 20.91
CA THR B 24 9.52 -11.35 21.66
C THR B 24 9.67 -10.07 20.82
N VAL B 25 9.93 -10.22 19.49
CA VAL B 25 10.12 -9.04 18.64
C VAL B 25 8.80 -8.29 18.52
N GLU B 26 7.67 -9.02 18.40
CA GLU B 26 6.33 -8.45 18.30
C GLU B 26 6.01 -7.56 19.50
N GLU B 27 6.18 -8.12 20.72
CA GLU B 27 5.90 -7.43 21.99
C GLU B 27 6.68 -6.13 22.12
N LEU B 28 7.95 -6.12 21.72
CA LEU B 28 8.77 -4.91 21.73
C LEU B 28 8.35 -3.98 20.59
N TYR B 29 8.09 -4.53 19.40
CA TYR B 29 7.72 -3.73 18.24
C TYR B 29 6.44 -2.92 18.51
N ASP B 30 5.44 -3.55 19.16
CA ASP B 30 4.14 -2.95 19.47
C ASP B 30 4.27 -1.75 20.40
N ARG B 31 5.47 -1.55 20.96
CA ARG B 31 5.72 -0.44 21.90
C ARG B 31 6.50 0.69 21.23
N LEU B 32 7.02 0.46 20.00
CA LEU B 32 7.81 1.47 19.28
C LEU B 32 6.94 2.57 18.69
N ALA B 33 7.56 3.75 18.50
CA ALA B 33 6.94 4.90 17.88
C ALA B 33 6.96 4.74 16.38
N PRO B 34 5.94 5.32 15.68
CA PRO B 34 5.99 5.34 14.22
C PRO B 34 7.02 6.37 13.73
N VAL B 35 7.33 6.41 12.43
CA VAL B 35 8.27 7.37 11.82
C VAL B 35 7.66 8.05 10.58
N PRO B 36 8.03 9.33 10.25
CA PRO B 36 7.56 9.90 9.00
C PRO B 36 8.35 9.30 7.83
N VAL B 37 7.78 9.43 6.63
CA VAL B 37 8.36 8.97 5.37
C VAL B 37 9.78 9.55 5.18
N ASP B 38 10.00 10.87 5.44
CA ASP B 38 11.31 11.51 5.21
C ASP B 38 12.41 10.96 6.10
N PHE B 39 12.08 10.39 7.26
CA PHE B 39 13.08 9.77 8.14
C PHE B 39 13.72 8.53 7.45
N MSE B 40 12.98 7.83 6.58
CA MSE B 40 13.49 6.63 5.90
C MSE B 40 14.47 6.94 4.78
O MSE B 40 15.27 6.05 4.43
CB MSE B 40 12.35 5.78 5.34
CG MSE B 40 11.37 5.21 6.45
SE MSE B 40 12.30 4.25 7.88
CE MSE B 40 13.35 2.91 6.86
N LEU B 41 14.48 8.18 4.22
CA LEU B 41 15.36 8.45 3.07
C LEU B 41 16.84 8.18 3.35
N GLY B 42 17.47 7.51 2.39
CA GLY B 42 18.87 7.10 2.49
C GLY B 42 19.02 5.60 2.29
N THR B 43 20.21 5.06 2.57
CA THR B 43 20.53 3.64 2.38
C THR B 43 20.70 2.99 3.75
N TRP B 44 20.18 1.77 3.89
CA TRP B 44 20.18 1.02 5.12
C TRP B 44 20.67 -0.41 4.91
N ARG B 45 21.40 -0.92 5.87
CA ARG B 45 21.87 -2.30 5.92
C ARG B 45 20.82 -3.08 6.67
N GLY B 46 20.38 -4.19 6.09
CA GLY B 46 19.33 -4.97 6.71
C GLY B 46 19.80 -6.23 7.39
N GLY B 47 18.95 -6.74 8.27
CA GLY B 47 19.20 -7.99 8.98
C GLY B 47 17.91 -8.63 9.44
N ILE B 48 17.95 -9.91 9.79
CA ILE B 48 16.77 -10.61 10.28
C ILE B 48 17.02 -11.12 11.70
N PHE B 49 15.92 -11.42 12.40
CA PHE B 49 15.94 -11.89 13.78
C PHE B 49 15.89 -13.43 13.87
N ASP B 50 15.15 -14.09 12.94
CA ASP B 50 14.91 -15.53 12.87
C ASP B 50 15.54 -16.10 11.61
N ARG B 51 16.44 -17.09 11.72
CA ARG B 51 17.05 -17.69 10.54
C ARG B 51 16.28 -18.91 10.08
N GLY B 52 15.24 -19.29 10.81
CA GLY B 52 14.43 -20.45 10.49
C GLY B 52 13.19 -20.21 9.65
N ASP B 53 12.67 -18.97 9.59
CA ASP B 53 11.45 -18.67 8.84
C ASP B 53 11.73 -18.57 7.34
N ALA B 54 10.64 -18.47 6.55
CA ALA B 54 10.67 -18.39 5.09
C ALA B 54 11.25 -17.05 4.60
N LEU B 55 11.21 -16.01 5.45
CA LEU B 55 11.78 -14.71 5.11
C LEU B 55 13.32 -14.83 5.06
N ALA B 56 13.93 -15.53 6.03
CA ALA B 56 15.38 -15.80 6.08
C ALA B 56 15.81 -16.54 4.82
N GLY B 57 15.00 -17.52 4.39
CA GLY B 57 15.24 -18.32 3.21
C GLY B 57 15.32 -17.49 1.95
N MSE B 58 14.38 -16.54 1.77
CA MSE B 58 14.36 -15.66 0.59
C MSE B 58 15.63 -14.78 0.56
O MSE B 58 16.44 -14.91 -0.36
CB MSE B 58 13.05 -14.82 0.55
CG MSE B 58 13.09 -13.68 -0.51
SE MSE B 58 11.48 -12.61 -0.88
CE MSE B 58 11.53 -11.38 0.58
N LEU B 59 15.84 -13.98 1.61
CA LEU B 59 16.91 -12.99 1.71
C LEU B 59 18.32 -13.57 1.70
N LEU B 60 18.56 -14.68 2.41
CA LEU B 60 19.88 -15.30 2.43
C LEU B 60 20.20 -15.89 1.05
N GLY B 61 19.19 -16.48 0.41
CA GLY B 61 19.30 -17.06 -0.93
C GLY B 61 19.64 -16.05 -2.00
N MSE B 62 19.27 -14.78 -1.82
CA MSE B 62 19.59 -13.78 -2.82
C MSE B 62 20.75 -12.86 -2.40
O MSE B 62 21.05 -11.89 -3.09
CB MSE B 62 18.37 -12.94 -3.17
CG MSE B 62 17.77 -12.23 -2.00
SE MSE B 62 16.26 -11.16 -2.62
CE MSE B 62 15.29 -12.46 -3.39
N ASN B 63 21.42 -13.22 -1.28
CA ASN B 63 22.53 -12.45 -0.69
C ASN B 63 22.09 -10.98 -0.45
N TRP B 64 20.98 -10.80 0.25
CA TRP B 64 20.39 -9.49 0.53
C TRP B 64 21.31 -8.65 1.41
N TYR B 65 21.42 -7.38 1.05
CA TYR B 65 22.23 -6.43 1.79
C TYR B 65 21.34 -5.47 2.56
N GLY B 66 20.33 -4.91 1.89
CA GLY B 66 19.46 -3.92 2.51
C GLY B 66 18.57 -3.17 1.52
N LYS B 67 18.39 -1.87 1.75
CA LYS B 67 17.41 -1.08 1.00
C LYS B 67 17.86 0.34 0.76
N ARG B 68 17.38 0.97 -0.30
CA ARG B 68 17.66 2.37 -0.58
C ARG B 68 16.33 3.08 -0.85
N PHE B 69 16.00 4.06 -0.03
CA PHE B 69 14.81 4.92 -0.12
C PHE B 69 15.29 6.25 -0.73
N ILE B 70 15.08 6.48 -2.03
CA ILE B 70 15.53 7.70 -2.72
C ILE B 70 14.53 8.83 -2.42
N ASP B 71 13.22 8.56 -2.64
CA ASP B 71 12.14 9.48 -2.35
C ASP B 71 10.88 8.64 -2.17
N ARG B 72 9.71 9.24 -1.85
CA ARG B 72 8.53 8.43 -1.53
C ARG B 72 8.10 7.53 -2.73
N ASP B 73 8.43 7.89 -3.99
CA ASP B 73 8.01 7.11 -5.16
C ASP B 73 9.12 6.25 -5.77
N HIS B 74 10.34 6.30 -5.21
CA HIS B 74 11.47 5.57 -5.77
C HIS B 74 12.25 4.91 -4.66
N VAL B 75 11.98 3.60 -4.46
CA VAL B 75 12.62 2.76 -3.44
C VAL B 75 13.20 1.52 -4.08
N GLU B 76 14.44 1.17 -3.70
CA GLU B 76 15.10 -0.08 -4.13
C GLU B 76 14.99 -1.03 -2.96
N PRO B 77 13.96 -1.92 -2.95
CA PRO B 77 13.70 -2.75 -1.75
C PRO B 77 14.71 -3.85 -1.50
N LEU B 78 15.44 -4.24 -2.54
CA LEU B 78 16.32 -5.40 -2.43
C LEU B 78 17.71 -5.18 -2.98
N LEU B 79 18.53 -4.45 -2.19
CA LEU B 79 19.93 -4.25 -2.50
C LEU B 79 20.58 -5.54 -2.15
N CYS B 80 21.32 -6.13 -3.09
CA CYS B 80 21.93 -7.42 -2.91
C CYS B 80 23.43 -7.34 -3.23
N ARG B 81 24.18 -8.29 -2.72
CA ARG B 81 25.62 -8.40 -2.98
C ARG B 81 25.83 -9.28 -4.23
N SER B 82 26.60 -8.74 -5.15
CA SER B 82 26.98 -9.37 -6.40
C SER B 82 28.27 -10.19 -6.16
N PRO B 83 28.55 -11.25 -6.98
CA PRO B 83 29.80 -12.04 -6.76
C PRO B 83 31.09 -11.21 -6.86
N ASP B 84 31.10 -10.08 -7.60
CA ASP B 84 32.29 -9.23 -7.67
C ASP B 84 32.42 -8.28 -6.45
N GLY B 85 31.53 -8.41 -5.45
CA GLY B 85 31.58 -7.59 -4.25
C GLY B 85 30.79 -6.29 -4.31
N SER B 86 30.31 -5.89 -5.49
CA SER B 86 29.50 -4.67 -5.58
C SER B 86 28.07 -4.93 -5.00
N ILE B 87 27.35 -3.83 -4.68
CA ILE B 87 25.97 -3.82 -4.21
C ILE B 87 25.15 -3.27 -5.36
N TYR B 88 24.11 -4.00 -5.74
CA TYR B 88 23.23 -3.63 -6.83
C TYR B 88 21.78 -3.75 -6.36
N SER B 89 20.88 -2.99 -7.03
CA SER B 89 19.47 -3.09 -6.80
C SER B 89 18.92 -4.32 -7.56
N TYR B 90 18.41 -5.31 -6.83
CA TYR B 90 17.81 -6.51 -7.43
C TYR B 90 16.37 -6.12 -7.85
N GLU B 91 16.03 -6.20 -9.15
CA GLU B 91 14.74 -5.67 -9.60
C GLU B 91 13.77 -6.68 -10.21
N LYS B 92 14.09 -8.01 -10.12
CA LYS B 92 13.26 -9.06 -10.73
C LYS B 92 11.90 -9.20 -10.02
N LEU B 93 11.82 -8.72 -8.79
CA LEU B 93 10.58 -8.78 -8.03
C LEU B 93 9.88 -7.40 -8.07
N GLY B 94 10.39 -6.48 -8.89
CA GLY B 94 9.88 -5.12 -9.00
C GLY B 94 10.43 -4.21 -7.91
N LEU B 95 10.12 -2.89 -8.01
CA LEU B 95 10.63 -1.93 -7.02
C LEU B 95 9.54 -1.62 -5.96
N ALA B 96 9.65 -0.50 -5.31
CA ALA B 96 8.74 -0.17 -4.22
C ALA B 96 8.55 1.35 -4.10
N ARG B 97 7.69 1.78 -3.15
CA ARG B 97 7.25 3.14 -2.81
C ARG B 97 7.12 3.27 -1.31
N LEU B 98 7.08 4.51 -0.79
CA LEU B 98 6.83 4.77 0.64
C LEU B 98 5.54 5.48 0.77
N ARG B 99 4.66 4.97 1.66
CA ARG B 99 3.40 5.62 1.98
C ARG B 99 3.18 5.54 3.51
N GLU B 100 2.20 6.27 4.05
CA GLU B 100 1.86 6.16 5.48
C GLU B 100 0.71 5.18 5.57
N VAL B 101 0.96 4.01 6.17
CA VAL B 101 -0.02 2.94 6.28
C VAL B 101 -0.26 2.56 7.76
N ALA B 102 -1.50 2.19 8.12
CA ALA B 102 -1.76 1.76 9.51
C ALA B 102 -1.46 0.29 9.69
N LEU B 103 -0.84 -0.02 10.84
CA LEU B 103 -0.65 -1.36 11.30
C LEU B 103 -1.02 -1.35 12.74
N ARG B 104 -1.98 -2.20 13.12
CA ARG B 104 -2.49 -2.33 14.51
C ARG B 104 -2.79 -0.97 15.14
N GLY B 105 -3.52 -0.16 14.41
CA GLY B 105 -3.98 1.13 14.91
C GLY B 105 -2.97 2.25 14.88
N THR B 106 -1.76 2.00 14.36
CA THR B 106 -0.74 3.05 14.32
C THR B 106 -0.27 3.27 12.89
N VAL B 107 -0.39 4.53 12.42
CA VAL B 107 0.02 4.92 11.08
C VAL B 107 1.52 5.22 11.13
N SER B 108 2.30 4.69 10.18
CA SER B 108 3.74 4.92 10.11
C SER B 108 4.23 4.81 8.69
N ALA B 109 5.50 5.27 8.45
CA ALA B 109 6.11 5.09 7.12
C ALA B 109 6.10 3.60 6.85
N ALA B 110 5.68 3.22 5.67
CA ALA B 110 5.63 1.81 5.29
C ALA B 110 6.05 1.65 3.82
N MSE B 111 6.89 0.64 3.50
CA MSE B 111 7.32 0.44 2.11
C MSE B 111 6.35 -0.52 1.48
O MSE B 111 6.16 -1.61 2.01
CB MSE B 111 8.75 -0.14 2.08
CG MSE B 111 9.35 -0.19 0.69
SE MSE B 111 10.97 -1.28 0.71
CE MSE B 111 10.10 -3.01 0.92
N ILE B 112 5.76 -0.13 0.38
CA ILE B 112 4.82 -1.01 -0.36
C ILE B 112 5.49 -1.50 -1.62
N TYR B 113 5.52 -2.82 -1.85
CA TYR B 113 6.11 -3.32 -3.09
C TYR B 113 5.22 -2.98 -4.26
N ASP B 114 5.82 -2.62 -5.40
CA ASP B 114 5.09 -2.35 -6.62
C ASP B 114 4.40 -3.59 -7.18
N LYS B 115 5.06 -4.75 -7.18
CA LYS B 115 4.55 -5.96 -7.86
C LYS B 115 4.32 -7.12 -6.92
N GLN B 116 4.39 -6.89 -5.61
CA GLN B 116 4.20 -7.96 -4.64
C GLN B 116 3.22 -7.48 -3.59
N PRO B 117 2.28 -8.34 -3.11
CA PRO B 117 1.32 -7.89 -2.09
C PRO B 117 1.98 -7.88 -0.69
N ILE B 118 3.00 -6.99 -0.55
CA ILE B 118 3.84 -6.91 0.64
C ILE B 118 4.03 -5.48 1.08
N ILE B 119 3.82 -5.28 2.37
CA ILE B 119 4.00 -3.97 3.00
C ILE B 119 4.90 -4.15 4.20
N ASP B 120 5.99 -3.38 4.27
CA ASP B 120 6.92 -3.35 5.42
C ASP B 120 6.63 -2.10 6.25
N HIS B 121 6.12 -2.28 7.48
CA HIS B 121 5.75 -1.17 8.38
C HIS B 121 6.92 -0.83 9.27
N PHE B 122 7.42 0.41 9.21
CA PHE B 122 8.63 0.76 10.00
C PHE B 122 8.30 1.42 11.33
N ARG B 123 9.10 1.10 12.36
CA ARG B 123 8.98 1.75 13.66
C ARG B 123 10.38 2.03 14.16
N ARG B 124 10.54 3.16 14.85
CA ARG B 124 11.85 3.65 15.31
C ARG B 124 12.44 2.85 16.44
N VAL B 125 13.75 2.54 16.34
CA VAL B 125 14.51 1.98 17.48
C VAL B 125 15.29 3.18 18.04
N ASN B 126 15.99 3.91 17.13
CA ASN B 126 16.71 5.17 17.38
C ASN B 126 16.87 5.88 16.04
N ASP B 127 17.64 6.96 16.00
CA ASP B 127 17.84 7.78 14.80
C ASP B 127 18.41 7.02 13.60
N ASP B 128 19.16 5.91 13.81
CA ASP B 128 19.82 5.09 12.75
C ASP B 128 19.35 3.61 12.72
N MSE B 129 18.25 3.27 13.42
CA MSE B 129 17.74 1.90 13.47
C MSE B 129 16.23 1.85 13.44
O MSE B 129 15.58 2.64 14.14
CB MSE B 129 18.20 1.19 14.74
CG MSE B 129 19.63 0.73 14.72
SE MSE B 129 20.05 -0.16 16.39
CE MSE B 129 21.99 -0.61 15.96
N VAL B 130 15.68 0.91 12.65
CA VAL B 130 14.24 0.66 12.60
C VAL B 130 14.02 -0.82 12.58
N VAL B 131 12.83 -1.20 13.04
CA VAL B 131 12.31 -2.55 12.87
C VAL B 131 11.22 -2.44 11.78
N GLY B 132 11.25 -3.35 10.80
CA GLY B 132 10.19 -3.44 9.81
C GLY B 132 9.31 -4.65 10.13
N ALA B 133 8.00 -4.49 10.01
CA ALA B 133 7.03 -5.56 10.18
C ALA B 133 6.47 -5.87 8.79
N MSE B 134 6.82 -7.04 8.26
CA MSE B 134 6.36 -7.44 6.93
C MSE B 134 4.97 -8.04 6.98
O MSE B 134 4.74 -9.11 7.59
CB MSE B 134 7.32 -8.45 6.32
CG MSE B 134 6.87 -8.90 4.96
SE MSE B 134 7.86 -10.46 4.37
CE MSE B 134 6.83 -11.79 5.18
N ASP B 135 4.06 -7.39 6.23
CA ASP B 135 2.68 -7.79 6.07
C ASP B 135 2.53 -8.33 4.63
N ALA B 136 2.62 -9.65 4.49
CA ALA B 136 2.56 -10.28 3.17
C ALA B 136 1.29 -11.08 3.00
N LYS B 137 0.54 -10.79 1.91
CA LYS B 137 -0.66 -11.56 1.61
C LYS B 137 -0.22 -13.01 1.30
N GLY B 138 -0.83 -14.00 1.92
CA GLY B 138 -0.44 -15.39 1.72
C GLY B 138 0.36 -15.96 2.87
N GLN B 139 1.00 -15.09 3.68
CA GLN B 139 1.76 -15.47 4.86
C GLN B 139 0.84 -15.42 6.08
N PRO B 140 0.85 -16.43 6.98
CA PRO B 140 -0.10 -16.37 8.10
C PRO B 140 0.30 -15.36 9.21
N ASP B 141 1.60 -15.04 9.39
CA ASP B 141 1.97 -14.11 10.45
C ASP B 141 2.86 -12.98 9.96
N ILE B 142 2.82 -11.85 10.69
CA ILE B 142 3.71 -10.74 10.48
C ILE B 142 5.11 -11.19 10.87
N LEU B 143 6.09 -10.95 9.96
CA LEU B 143 7.51 -11.30 10.17
C LEU B 143 8.31 -10.02 10.36
N TYR B 144 9.42 -10.09 11.10
CA TYR B 144 10.19 -8.91 11.47
C TYR B 144 11.65 -8.97 10.97
N PHE B 145 12.19 -7.78 10.64
CA PHE B 145 13.55 -7.57 10.20
C PHE B 145 13.99 -6.23 10.72
N HIS B 146 15.28 -5.93 10.58
CA HIS B 146 15.74 -4.61 11.03
C HIS B 146 16.61 -3.99 9.99
N LEU B 147 16.73 -2.63 10.08
CA LEU B 147 17.54 -1.81 9.19
C LEU B 147 18.41 -0.89 9.99
N THR B 148 19.66 -0.74 9.58
CA THR B 148 20.62 0.16 10.21
C THR B 148 21.09 1.15 9.14
N ARG B 149 20.96 2.46 9.42
CA ARG B 149 21.37 3.53 8.48
C ARG B 149 22.85 3.39 8.06
N GLU B 150 23.17 3.51 6.74
CA GLU B 150 24.56 3.43 6.23
C GLU B 150 25.42 4.56 6.82
N ARG B 151 26.70 4.24 7.20
CA ARG B 151 27.72 5.03 7.92
C ARG B 151 27.14 6.35 8.54
#